data_8CYF
#
_entry.id   8CYF
#
_cell.length_a   50.697
_cell.length_b   72.934
_cell.length_c   95.380
_cell.angle_alpha   90.000
_cell.angle_beta   90.000
_cell.angle_gamma   90.000
#
_symmetry.space_group_name_H-M   'P 21 21 21'
#
loop_
_entity.id
_entity.type
_entity.pdbx_description
1 polymer 'Redox- and pH-responsive transcriptional regulator WhiB3'
2 polymer 'RNA polymerase sigma factor, DNA-directed RNA polymerase subunit beta chimera,DNA-directed RNA polymerase subunit beta'
3 polymer "DNA (5'-D(*GP*AP*AP*AP*AP*TP*CP*GP*GP*TP*TP*GP*TP*GP*GP*T)-3')"
4 polymer "DNA (5'-D(*CP*AP*CP*CP*AP*CP*AP*AP*CP*CP*GP*AP*TP*TP*TP*T)-3')"
5 non-polymer 'IRON/SULFUR CLUSTER'
6 non-polymer 'CACODYLATE ION'
7 water water
#
loop_
_entity_poly.entity_id
_entity_poly.type
_entity_poly.pdbx_seq_one_letter_code
_entity_poly.pdbx_strand_id
1 'polypeptide(L)'
;MPQPEQLPGPNADIWNWQLQGLCRGMDSSMFFHPDGERGRARTQREQRAKEMCRRCPVIEACRSHALEVGEPYGVWGGLS
ESERDLLLKGTMGRTRGIRRTA
;
A
2 'polypeptide(L)'
;MAHHHHHHVAVDAVSFTLLQDQLQSVLDTLSEREAGVVRLRFGLTDGQPRTLDEIGQVYGVTRERIRQIESKTMSKLRHP
SRSQVLRDYLDGSSGSGTPEERLLRAIFGEKA
;
B
3 'polydeoxyribonucleotide' (DG)(DA)(DA)(DA)(DA)(DT)(DC)(DG)(DG)(DT)(DT)(DG)(DT)(DG)(DG)(DT) C
4 'polydeoxyribonucleotide' (DC)(DA)(DC)(DC)(DA)(DC)(DA)(DA)(DC)(DC)(DG)(DA)(DT)(DT)(DT)(DT) D
#
loop_
_chem_comp.id
_chem_comp.type
_chem_comp.name
_chem_comp.formula
CAC non-polymer 'CACODYLATE ION' 'C2 H6 As O2 -1'
DA DNA linking 2'-DEOXYADENOSINE-5'-MONOPHOSPHATE 'C10 H14 N5 O6 P'
DC DNA linking 2'-DEOXYCYTIDINE-5'-MONOPHOSPHATE 'C9 H14 N3 O7 P'
DG DNA linking 2'-DEOXYGUANOSINE-5'-MONOPHOSPHATE 'C10 H14 N5 O7 P'
DT DNA linking THYMIDINE-5'-MONOPHOSPHATE 'C10 H15 N2 O8 P'
SF4 non-polymer 'IRON/SULFUR CLUSTER' 'Fe4 S4'
#
# COMPACT_ATOMS: atom_id res chain seq x y z
N ASN A 16 10.70 -8.84 -8.47
CA ASN A 16 11.30 -8.95 -9.82
C ASN A 16 10.19 -8.93 -10.88
N TRP A 17 9.10 -9.64 -10.61
CA TRP A 17 7.94 -9.71 -11.55
C TRP A 17 7.19 -8.37 -11.53
N GLN A 18 7.44 -7.54 -10.52
CA GLN A 18 6.78 -6.26 -10.39
C GLN A 18 7.26 -5.28 -11.49
N LEU A 19 8.55 -5.41 -11.89
CA LEU A 19 9.15 -4.54 -12.89
C LEU A 19 8.40 -4.55 -14.23
N GLN A 20 7.67 -5.64 -14.50
CA GLN A 20 6.97 -5.75 -15.76
C GLN A 20 5.48 -5.39 -15.62
N GLY A 21 4.98 -5.13 -14.40
CA GLY A 21 3.58 -4.71 -14.30
C GLY A 21 3.21 -3.53 -15.24
N LEU A 22 2.02 -3.60 -15.83
CA LEU A 22 1.59 -2.54 -16.73
C LEU A 22 1.32 -1.25 -15.94
N CYS A 23 1.09 -1.34 -14.62
CA CYS A 23 0.73 -0.17 -13.85
C CYS A 23 1.96 0.46 -13.22
N ARG A 24 3.16 0.05 -13.62
CA ARG A 24 4.41 0.54 -12.96
C ARG A 24 4.59 2.05 -12.80
N GLY A 25 4.05 2.92 -13.65
CA GLY A 25 4.31 4.35 -13.40
C GLY A 25 3.16 5.10 -12.74
N MET A 26 1.99 5.02 -13.37
CA MET A 26 0.76 5.67 -12.85
C MET A 26 0.58 5.10 -11.45
N ASP A 27 0.36 5.91 -10.43
CA ASP A 27 0.35 5.27 -9.13
C ASP A 27 -1.08 4.88 -8.75
N SER A 28 -1.25 4.67 -7.44
CA SER A 28 -2.32 3.92 -6.81
C SER A 28 -3.70 4.53 -7.00
N SER A 29 -3.79 5.75 -7.53
CA SER A 29 -5.08 6.35 -7.80
C SER A 29 -6.03 5.27 -8.34
N MET A 30 -5.58 4.51 -9.35
CA MET A 30 -6.42 3.61 -10.11
C MET A 30 -6.79 2.29 -9.41
N PHE A 31 -5.98 1.82 -8.46
CA PHE A 31 -6.12 0.48 -7.90
C PHE A 31 -6.60 0.47 -6.46
N PHE A 32 -6.70 1.64 -5.78
CA PHE A 32 -7.17 1.64 -4.42
C PHE A 32 -8.32 2.64 -4.33
N HIS A 33 -9.26 2.43 -3.42
CA HIS A 33 -10.39 3.35 -3.31
C HIS A 33 -10.07 4.46 -2.31
N PRO A 34 -10.30 5.72 -2.61
CA PRO A 34 -10.13 6.73 -1.57
C PRO A 34 -11.13 6.51 -0.43
N ASP A 35 -10.81 7.06 0.74
CA ASP A 35 -11.72 6.99 1.88
C ASP A 35 -13.10 7.33 1.37
N GLY A 36 -14.06 6.44 1.63
CA GLY A 36 -15.45 6.87 1.55
C GLY A 36 -16.09 6.56 0.19
N GLU A 37 -15.31 6.14 -0.80
CA GLU A 37 -15.85 6.04 -2.15
C GLU A 37 -16.92 4.96 -2.14
N ARG A 38 -18.12 5.26 -2.64
CA ARG A 38 -19.16 4.26 -2.75
C ARG A 38 -19.91 4.42 -4.08
N GLY A 39 -20.88 3.54 -4.34
CA GLY A 39 -21.74 3.67 -5.50
C GLY A 39 -21.00 3.42 -6.83
N ARG A 40 -21.39 4.24 -7.82
CA ARG A 40 -20.92 4.20 -9.19
C ARG A 40 -19.42 4.52 -9.29
N ALA A 41 -18.92 5.49 -8.52
CA ALA A 41 -17.51 5.85 -8.59
C ALA A 41 -16.63 4.68 -8.19
N ARG A 42 -17.11 3.92 -7.22
CA ARG A 42 -16.37 2.77 -6.69
C ARG A 42 -16.32 1.66 -7.73
N THR A 43 -17.45 1.31 -8.31
CA THR A 43 -17.37 0.22 -9.28
C THR A 43 -16.61 0.64 -10.55
N GLN A 44 -16.70 1.91 -11.01
CA GLN A 44 -16.00 2.24 -12.25
C GLN A 44 -14.51 2.32 -12.05
N ARG A 45 -14.06 2.72 -10.85
CA ARG A 45 -12.63 2.66 -10.56
C ARG A 45 -12.13 1.22 -10.66
N GLU A 46 -12.94 0.30 -10.13
CA GLU A 46 -12.58 -1.10 -10.17
C GLU A 46 -12.46 -1.62 -11.60
N GLN A 47 -13.40 -1.23 -12.46
CA GLN A 47 -13.45 -1.66 -13.85
C GLN A 47 -12.21 -1.13 -14.58
N ARG A 48 -11.91 0.18 -14.46
CA ARG A 48 -10.75 0.74 -15.14
C ARG A 48 -9.54 -0.09 -14.72
N ALA A 49 -9.42 -0.43 -13.43
CA ALA A 49 -8.23 -1.14 -13.03
C ALA A 49 -8.20 -2.49 -13.72
N LYS A 50 -9.36 -3.15 -13.79
CA LYS A 50 -9.34 -4.53 -14.22
C LYS A 50 -8.99 -4.57 -15.70
N GLU A 51 -9.42 -3.52 -16.40
CA GLU A 51 -9.19 -3.43 -17.83
C GLU A 51 -7.68 -3.29 -18.05
N MET A 52 -6.99 -2.65 -17.13
CA MET A 52 -5.55 -2.59 -17.26
C MET A 52 -4.94 -3.97 -17.00
N CYS A 53 -5.38 -4.64 -15.94
CA CYS A 53 -4.78 -5.91 -15.59
C CYS A 53 -4.94 -6.95 -16.72
N ARG A 54 -6.06 -6.89 -17.41
CA ARG A 54 -6.33 -7.93 -18.42
C ARG A 54 -5.28 -7.89 -19.52
N ARG A 55 -4.75 -6.72 -19.74
CA ARG A 55 -3.75 -6.52 -20.75
C ARG A 55 -2.38 -6.76 -20.16
N CYS A 56 -2.25 -7.19 -18.91
CA CYS A 56 -0.96 -7.02 -18.26
C CYS A 56 -0.13 -8.29 -18.32
N PRO A 57 1.15 -8.25 -18.77
CA PRO A 57 1.86 -9.49 -19.09
C PRO A 57 2.18 -10.32 -17.84
N VAL A 58 2.02 -9.74 -16.63
CA VAL A 58 2.37 -10.43 -15.39
C VAL A 58 1.15 -10.60 -14.47
N ILE A 59 -0.07 -10.58 -15.04
CA ILE A 59 -1.30 -10.78 -14.31
C ILE A 59 -1.21 -12.02 -13.44
N GLU A 60 -0.65 -13.09 -13.96
CA GLU A 60 -0.67 -14.39 -13.28
C GLU A 60 0.24 -14.31 -12.07
N ALA A 61 1.39 -13.65 -12.20
CA ALA A 61 2.27 -13.60 -11.05
C ALA A 61 1.70 -12.61 -10.02
N CYS A 62 0.98 -11.59 -10.53
CA CYS A 62 0.34 -10.59 -9.68
C CYS A 62 -0.78 -11.22 -8.85
N ARG A 63 -1.58 -12.06 -9.50
CA ARG A 63 -2.71 -12.73 -8.90
C ARG A 63 -2.21 -13.72 -7.86
N SER A 64 -1.26 -14.58 -8.24
CA SER A 64 -0.91 -15.60 -7.26
C SER A 64 -0.17 -14.98 -6.06
N HIS A 65 0.56 -13.88 -6.30
CA HIS A 65 1.19 -13.16 -5.20
C HIS A 65 0.14 -12.67 -4.17
N ALA A 66 -0.89 -11.95 -4.65
CA ALA A 66 -1.97 -11.36 -3.88
C ALA A 66 -2.69 -12.44 -3.09
N LEU A 67 -2.93 -13.59 -3.74
CA LEU A 67 -3.60 -14.67 -3.02
C LEU A 67 -2.62 -15.44 -2.14
N GLU A 68 -1.32 -15.51 -2.49
CA GLU A 68 -0.45 -16.33 -1.67
C GLU A 68 -0.28 -15.61 -0.35
N VAL A 69 -0.15 -14.28 -0.41
CA VAL A 69 0.15 -13.55 0.82
C VAL A 69 -1.13 -12.93 1.35
N GLY A 70 -2.19 -12.86 0.53
CA GLY A 70 -3.48 -12.37 1.01
C GLY A 70 -3.49 -10.86 1.26
N GLU A 71 -2.97 -10.09 0.28
CA GLU A 71 -3.08 -8.64 0.18
C GLU A 71 -4.49 -8.15 0.56
N PRO A 72 -4.66 -7.51 1.71
CA PRO A 72 -6.00 -7.03 2.06
C PRO A 72 -6.58 -5.95 1.14
N TYR A 73 -5.77 -5.13 0.47
CA TYR A 73 -6.48 -4.09 -0.25
C TYR A 73 -5.97 -3.94 -1.65
N GLY A 74 -6.75 -3.22 -2.44
CA GLY A 74 -6.44 -2.89 -3.81
C GLY A 74 -6.93 -3.98 -4.77
N VAL A 75 -7.01 -3.56 -6.05
CA VAL A 75 -7.02 -4.47 -7.18
C VAL A 75 -5.58 -4.95 -7.49
N TRP A 76 -5.44 -6.28 -7.53
CA TRP A 76 -4.24 -7.07 -7.84
C TRP A 76 -4.60 -8.18 -8.79
N GLY A 77 -3.76 -8.35 -9.81
CA GLY A 77 -3.93 -9.48 -10.68
C GLY A 77 -5.34 -9.54 -11.26
N GLY A 78 -5.97 -8.41 -11.57
CA GLY A 78 -7.31 -8.50 -12.13
C GLY A 78 -8.42 -8.78 -11.08
N LEU A 79 -8.13 -8.91 -9.77
CA LEU A 79 -9.14 -9.24 -8.75
C LEU A 79 -9.38 -8.06 -7.81
N SER A 80 -10.65 -7.70 -7.63
CA SER A 80 -11.02 -6.74 -6.57
C SER A 80 -10.69 -7.36 -5.21
N GLU A 81 -10.52 -6.50 -4.20
CA GLU A 81 -10.43 -6.93 -2.80
C GLU A 81 -11.47 -7.99 -2.43
N SER A 82 -12.72 -7.78 -2.80
CA SER A 82 -13.74 -8.67 -2.25
C SER A 82 -13.78 -9.96 -3.07
N GLU A 83 -13.31 -9.87 -4.32
CA GLU A 83 -13.14 -11.12 -5.07
C GLU A 83 -12.12 -12.01 -4.37
N ARG A 84 -11.02 -11.44 -3.90
CA ARG A 84 -9.96 -12.24 -3.29
C ARG A 84 -10.43 -12.80 -1.95
N ASP A 85 -11.14 -11.94 -1.20
CA ASP A 85 -11.71 -12.30 0.07
C ASP A 85 -12.65 -13.49 -0.14
N LEU A 86 -13.39 -13.44 -1.24
CA LEU A 86 -14.24 -14.58 -1.56
C LEU A 86 -13.47 -15.84 -1.99
N LEU A 87 -12.39 -15.73 -2.77
CA LEU A 87 -11.57 -16.87 -3.19
C LEU A 87 -10.76 -17.46 -2.03
N LEU A 88 -10.48 -16.72 -0.96
CA LEU A 88 -9.61 -17.35 0.04
C LEU A 88 -10.41 -17.90 1.21
N LYS A 89 -11.42 -17.18 1.71
CA LYS A 89 -12.15 -17.61 2.91
C LYS A 89 -12.33 -19.14 2.92
N GLY A 90 -11.98 -19.77 4.06
CA GLY A 90 -12.18 -21.21 4.32
C GLY A 90 -11.12 -22.11 3.68
N ALA B 13 28.74 4.32 2.14
CA ALA B 13 27.48 4.60 1.40
C ALA B 13 26.56 5.52 2.21
N VAL B 14 26.34 6.73 1.68
CA VAL B 14 25.46 7.72 2.25
C VAL B 14 24.25 7.86 1.34
N SER B 15 23.87 6.74 0.71
CA SER B 15 22.71 6.68 -0.17
C SER B 15 21.42 6.74 0.66
N PHE B 16 21.59 6.79 1.99
CA PHE B 16 20.49 6.88 2.95
C PHE B 16 19.76 8.22 2.85
N THR B 17 20.44 9.25 2.33
CA THR B 17 19.83 10.54 2.03
C THR B 17 18.75 10.38 0.96
N LEU B 18 19.15 9.79 -0.18
CA LEU B 18 18.30 9.71 -1.34
C LEU B 18 17.20 8.65 -1.11
N LEU B 19 17.45 7.67 -0.23
CA LEU B 19 16.38 6.77 0.17
C LEU B 19 15.27 7.51 0.93
N GLN B 20 15.66 8.40 1.85
CA GLN B 20 14.75 9.31 2.53
C GLN B 20 13.98 10.10 1.48
N ASP B 21 14.72 10.82 0.63
CA ASP B 21 14.15 11.62 -0.45
C ASP B 21 12.99 10.86 -1.14
N GLN B 22 13.25 9.64 -1.59
CA GLN B 22 12.28 8.95 -2.41
C GLN B 22 11.22 8.31 -1.52
N LEU B 23 11.46 8.32 -0.21
CA LEU B 23 10.51 7.76 0.74
C LEU B 23 9.55 8.85 1.20
N GLN B 24 10.08 10.02 1.59
CA GLN B 24 9.26 11.22 1.64
C GLN B 24 8.37 11.21 0.40
N SER B 25 8.96 10.95 -0.78
CA SER B 25 8.30 10.99 -2.07
C SER B 25 7.10 10.03 -2.16
N VAL B 26 7.31 8.73 -1.90
CA VAL B 26 6.21 7.79 -1.98
C VAL B 26 5.17 8.06 -0.89
N LEU B 27 5.58 8.44 0.34
CA LEU B 27 4.59 8.77 1.35
C LEU B 27 3.65 9.88 0.90
N ASP B 28 4.13 10.79 0.05
CA ASP B 28 3.40 12.01 -0.31
C ASP B 28 2.18 11.67 -1.15
N THR B 29 2.11 10.47 -1.69
CA THR B 29 0.97 10.09 -2.50
C THR B 29 -0.03 9.23 -1.72
N LEU B 30 0.24 8.84 -0.46
CA LEU B 30 -0.85 8.23 0.31
C LEU B 30 -1.84 9.33 0.68
N SER B 31 -2.97 8.98 1.29
CA SER B 31 -3.80 10.04 1.86
C SER B 31 -3.11 10.69 3.06
N GLU B 32 -3.56 11.88 3.44
CA GLU B 32 -3.13 12.53 4.69
C GLU B 32 -3.16 11.56 5.87
N ARG B 33 -4.29 10.92 6.08
CA ARG B 33 -4.35 10.03 7.25
C ARG B 33 -3.41 8.85 7.10
N GLU B 34 -3.35 8.26 5.91
CA GLU B 34 -2.42 7.14 5.76
C GLU B 34 -0.99 7.63 6.00
N ALA B 35 -0.61 8.79 5.48
CA ALA B 35 0.75 9.20 5.74
C ALA B 35 0.96 9.47 7.23
N GLY B 36 -0.01 10.13 7.91
CA GLY B 36 0.24 10.48 9.30
C GLY B 36 0.48 9.22 10.13
N VAL B 37 -0.30 8.17 9.86
CA VAL B 37 -0.19 6.94 10.64
C VAL B 37 1.18 6.28 10.44
N VAL B 38 1.67 6.22 9.19
CA VAL B 38 2.97 5.58 9.00
C VAL B 38 4.00 6.46 9.67
N ARG B 39 3.80 7.78 9.61
CA ARG B 39 4.79 8.67 10.19
C ARG B 39 4.79 8.54 11.71
N LEU B 40 3.61 8.53 12.33
CA LEU B 40 3.59 8.34 13.77
C LEU B 40 4.11 6.94 14.13
N ARG B 41 3.74 5.90 13.39
CA ARG B 41 4.15 4.58 13.82
C ARG B 41 5.67 4.43 13.74
N PHE B 42 6.28 4.91 12.68
CA PHE B 42 7.71 4.67 12.61
C PHE B 42 8.54 5.78 13.27
N GLY B 43 7.91 6.89 13.63
CA GLY B 43 8.59 8.03 14.21
C GLY B 43 9.46 8.73 13.15
N LEU B 44 8.82 8.99 12.01
CA LEU B 44 9.50 9.80 10.95
C LEU B 44 9.12 11.27 11.13
N THR B 45 8.63 11.56 12.33
CA THR B 45 8.11 12.88 12.73
C THR B 45 9.03 13.51 13.78
N ASP B 46 9.35 12.78 14.85
CA ASP B 46 10.23 13.30 15.94
C ASP B 46 11.20 12.21 16.40
N GLY B 47 11.29 11.10 15.64
CA GLY B 47 12.20 10.00 15.99
C GLY B 47 11.75 9.26 17.24
N GLN B 48 10.45 8.99 17.34
CA GLN B 48 9.89 8.26 18.52
C GLN B 48 8.63 7.53 18.08
N PRO B 49 8.70 6.19 17.90
CA PRO B 49 7.56 5.44 17.39
C PRO B 49 6.41 5.55 18.39
N ARG B 50 5.18 5.53 17.89
CA ARG B 50 4.07 5.61 18.79
C ARG B 50 3.36 4.29 18.67
N THR B 51 2.69 3.89 19.76
CA THR B 51 1.91 2.67 19.83
C THR B 51 0.62 2.87 19.03
N LEU B 52 -0.05 1.77 18.71
CA LEU B 52 -1.33 1.86 18.06
C LEU B 52 -2.35 2.60 18.94
N ASP B 53 -2.19 2.60 20.25
CA ASP B 53 -3.20 3.36 20.98
C ASP B 53 -2.95 4.87 20.86
N GLU B 54 -1.71 5.34 20.95
CA GLU B 54 -1.41 6.77 20.86
C GLU B 54 -1.89 7.33 19.51
N ILE B 55 -1.76 6.54 18.45
CA ILE B 55 -2.21 6.94 17.15
C ILE B 55 -3.74 7.03 17.11
N GLY B 56 -4.49 5.99 17.60
CA GLY B 56 -5.92 6.07 17.85
C GLY B 56 -6.27 7.39 18.56
N GLN B 57 -5.59 7.75 19.64
CA GLN B 57 -5.96 9.00 20.31
C GLN B 57 -5.82 10.16 19.34
N VAL B 58 -4.79 10.14 18.48
CA VAL B 58 -4.57 11.34 17.69
C VAL B 58 -5.74 11.47 16.70
N TYR B 59 -6.09 10.36 16.08
CA TYR B 59 -7.10 10.29 15.03
C TYR B 59 -8.55 10.15 15.53
N GLY B 60 -8.77 10.10 16.87
CA GLY B 60 -10.03 9.74 17.50
C GLY B 60 -10.61 8.40 17.03
N VAL B 61 -9.79 7.37 16.83
CA VAL B 61 -10.36 6.09 16.43
C VAL B 61 -9.77 5.01 17.30
N THR B 62 -10.35 3.81 17.26
CA THR B 62 -9.82 2.74 18.10
C THR B 62 -8.50 2.25 17.47
N ARG B 63 -7.72 1.48 18.24
CA ARG B 63 -6.49 0.83 17.80
C ARG B 63 -6.77 -0.12 16.62
N GLU B 64 -7.91 -0.77 16.65
CA GLU B 64 -8.25 -1.68 15.58
C GLU B 64 -8.47 -0.93 14.27
N ARG B 65 -8.97 0.31 14.32
CA ARG B 65 -9.13 1.02 13.08
C ARG B 65 -7.76 1.48 12.58
N ILE B 66 -6.86 1.89 13.50
CA ILE B 66 -5.49 2.15 13.13
C ILE B 66 -4.84 0.95 12.40
N ARG B 67 -4.96 -0.27 12.95
CA ARG B 67 -4.41 -1.43 12.27
C ARG B 67 -4.97 -1.66 10.86
N GLN B 68 -6.28 -1.46 10.61
CA GLN B 68 -6.85 -1.51 9.26
C GLN B 68 -6.27 -0.44 8.33
N ILE B 69 -6.14 0.80 8.80
CA ILE B 69 -5.54 1.82 7.99
C ILE B 69 -4.07 1.45 7.68
N GLU B 70 -3.26 1.08 8.69
CA GLU B 70 -1.90 0.61 8.47
C GLU B 70 -1.84 -0.47 7.37
N SER B 71 -2.76 -1.42 7.39
CA SER B 71 -2.77 -2.56 6.49
C SER B 71 -3.03 -2.07 5.06
N LYS B 72 -3.98 -1.16 4.90
CA LYS B 72 -4.27 -0.66 3.59
C LYS B 72 -2.99 -0.03 3.02
N THR B 73 -2.35 0.81 3.84
CA THR B 73 -1.13 1.50 3.49
C THR B 73 -0.04 0.50 3.09
N MET B 74 0.10 -0.60 3.81
CA MET B 74 1.13 -1.56 3.45
C MET B 74 0.79 -2.16 2.10
N SER B 75 -0.51 -2.41 1.89
CA SER B 75 -0.94 -2.88 0.59
C SER B 75 -0.51 -1.90 -0.50
N LYS B 76 -0.76 -0.61 -0.30
CA LYS B 76 -0.46 0.43 -1.29
C LYS B 76 1.03 0.49 -1.54
N LEU B 77 1.85 0.39 -0.51
CA LEU B 77 3.31 0.51 -0.71
C LEU B 77 3.89 -0.75 -1.33
N ARG B 78 3.21 -1.86 -1.25
CA ARG B 78 3.82 -3.03 -1.89
C ARG B 78 3.14 -3.32 -3.21
N HIS B 79 2.26 -2.44 -3.67
CA HIS B 79 1.60 -2.65 -4.97
C HIS B 79 2.62 -2.36 -6.06
N PRO B 80 2.52 -2.96 -7.25
CA PRO B 80 3.49 -2.72 -8.31
C PRO B 80 3.36 -1.33 -8.92
N SER B 81 2.19 -0.72 -8.79
CA SER B 81 1.94 0.64 -9.27
C SER B 81 2.95 1.62 -8.71
N ARG B 82 3.40 1.48 -7.46
CA ARG B 82 4.35 2.52 -7.00
C ARG B 82 5.30 1.99 -5.92
N SER B 83 5.96 0.87 -6.16
CA SER B 83 6.85 0.33 -5.12
C SER B 83 8.29 0.22 -5.64
N GLN B 84 8.83 1.33 -6.14
CA GLN B 84 10.20 1.35 -6.75
C GLN B 84 11.31 1.57 -5.73
N VAL B 85 11.20 0.97 -4.53
CA VAL B 85 12.27 1.09 -3.49
C VAL B 85 12.78 -0.29 -3.13
N LEU B 86 12.66 -1.28 -4.00
CA LEU B 86 13.24 -2.59 -3.62
C LEU B 86 14.69 -2.64 -4.12
N ARG B 87 15.55 -1.79 -3.54
CA ARG B 87 16.98 -1.61 -3.85
C ARG B 87 17.73 -1.63 -2.52
N ASP B 88 17.10 -2.12 -1.45
CA ASP B 88 17.71 -2.20 -0.09
C ASP B 88 18.17 -0.82 0.36
N GLY B 97 17.96 -0.87 12.91
CA GLY B 97 19.11 0.04 13.06
C GLY B 97 18.67 1.50 12.98
N THR B 98 17.59 1.74 12.23
CA THR B 98 17.15 3.07 11.84
C THR B 98 15.68 2.99 11.41
N PRO B 99 14.83 4.01 11.73
CA PRO B 99 13.41 4.00 11.37
C PRO B 99 13.04 3.74 9.91
N GLU B 100 13.82 4.32 8.98
CA GLU B 100 13.52 4.22 7.56
C GLU B 100 13.82 2.81 7.06
N GLU B 101 14.76 2.11 7.70
CA GLU B 101 14.98 0.70 7.40
C GLU B 101 13.87 -0.09 8.08
N ARG B 102 13.50 0.33 9.29
CA ARG B 102 12.38 -0.31 9.94
C ARG B 102 11.17 -0.30 8.99
N LEU B 103 10.87 0.84 8.38
CA LEU B 103 9.67 0.97 7.55
C LEU B 103 9.86 0.11 6.29
N LEU B 104 11.05 0.16 5.70
CA LEU B 104 11.34 -0.63 4.51
C LEU B 104 11.13 -2.11 4.79
N ARG B 105 11.72 -2.63 5.88
CA ARG B 105 11.65 -4.06 6.17
C ARG B 105 10.22 -4.41 6.56
N ALA B 106 9.45 -3.42 7.00
CA ALA B 106 8.08 -3.66 7.40
C ALA B 106 7.20 -3.73 6.16
N ILE B 107 7.73 -3.31 4.99
CA ILE B 107 6.92 -3.31 3.78
C ILE B 107 7.15 -4.63 3.05
N PHE B 108 8.39 -5.11 3.06
CA PHE B 108 8.76 -6.29 2.29
C PHE B 108 9.05 -7.49 3.20
N GLY B 109 8.42 -7.54 4.40
CA GLY B 109 8.83 -8.44 5.48
C GLY B 109 7.92 -9.65 5.61
FE1 SF4 E . -2.74 -5.39 -12.56
FE2 SF4 E . -0.47 -6.07 -13.80
FE3 SF4 E . -0.89 -6.60 -11.04
FE4 SF4 E . -0.46 -4.01 -12.12
S1 SF4 E . 0.77 -5.73 -12.19
S2 SF4 E . -1.96 -4.84 -10.73
S3 SF4 E . -1.56 -4.24 -13.97
S4 SF4 E . -1.92 -7.30 -12.71
AS CAC F . -14.65 9.81 16.65
O1 CAC F . -13.80 10.15 18.15
O2 CAC F . -14.50 8.13 16.21
C1 CAC F . -16.55 10.26 16.89
C2 CAC F . -13.84 10.89 15.22
#